data_5LG4
#
_entry.id   5LG4
#
_cell.length_a   84.123
_cell.length_b   84.123
_cell.length_c   237.001
_cell.angle_alpha   90.00
_cell.angle_beta   90.00
_cell.angle_gamma   90.00
#
_symmetry.space_group_name_H-M   'P 43 21 2'
#
loop_
_entity.id
_entity.type
_entity.pdbx_description
1 polymer 'Protein SSO2'
2 polymer 'Exocyst complex component SEC3'
3 non-polymer 'SULFATE ION'
#
loop_
_entity_poly.entity_id
_entity_poly.type
_entity_poly.pdbx_seq_one_letter_code
_entity_poly.pdbx_strand_id
1 'polypeptide(L)'
;GSHMDFVAFMNKINSINANLSRYENIINQIDAQHKDLLTQVSEEQEMELRRSLDDYISQATDLQYQLKADIKDAQRDGLH
DSNKQAQAENCRQKFLKLIQDYRIIDSNYKEESKEQAKRQYTIIQPEATDEEVEAAINDVNGQQIFSQALLNANRRGEAK
TALAEVQARHQELLKLEKTMAELTQLFNDMEELVIE
;
A
2 'polypeptide(L)'
;QGHMSNFLAEQYERDRKAIINCCFSRPDHKTGEPPNNYITHVRIIEDSKFPSSRPPPDSKLENKKKRLLILSAKPNNAKL
IQIHKARENSDGSFQIGRTWQLTELVRVEKDLEISEGFILTMSKKYYWETNSAKERTVFIKSLITLYIQTFEGHVPELVN
WDLSLFYLDERSYQRAVITNRPGSVSPIKSPTSNFTTNTTQSVGSVPFSAPTERTRRSETESVNPVSTPASVEYHAGMKS
LNKAPYSSNS
;
B,C
#
loop_
_chem_comp.id
_chem_comp.type
_chem_comp.name
_chem_comp.formula
SO4 non-polymer 'SULFATE ION' 'O4 S -2'
#
# COMPACT_ATOMS: atom_id res chain seq x y z
N SER A 2 17.74 10.96 36.62
CA SER A 2 19.09 11.21 37.10
C SER A 2 20.00 11.66 35.96
N HIS A 3 21.24 12.01 36.30
CA HIS A 3 22.22 12.36 35.28
C HIS A 3 22.51 11.19 34.36
N MET A 4 22.75 10.01 34.94
CA MET A 4 22.94 8.81 34.13
C MET A 4 21.68 8.44 33.36
N ASP A 5 20.51 8.85 33.86
CA ASP A 5 19.26 8.62 33.15
C ASP A 5 19.05 9.58 31.99
N PHE A 6 19.94 10.56 31.82
CA PHE A 6 19.89 11.50 30.70
C PHE A 6 20.77 11.09 29.54
N VAL A 7 21.97 10.57 29.80
CA VAL A 7 22.84 10.14 28.71
C VAL A 7 22.26 8.94 27.98
N ALA A 8 21.39 8.17 28.62
CA ALA A 8 20.69 7.10 27.91
C ALA A 8 19.69 7.67 26.91
N PHE A 9 19.06 8.80 27.25
CA PHE A 9 18.18 9.47 26.30
C PHE A 9 18.95 10.02 25.11
N MET A 10 20.18 10.49 25.35
CA MET A 10 21.03 10.94 24.24
C MET A 10 21.46 9.78 23.36
N ASN A 11 21.71 8.61 23.96
CA ASN A 11 21.97 7.42 23.16
C ASN A 11 20.76 7.07 22.29
N LYS A 12 19.55 7.31 22.81
CA LYS A 12 18.35 7.09 22.01
C LYS A 12 18.28 8.07 20.85
N ILE A 13 18.60 9.34 21.12
CA ILE A 13 18.57 10.35 20.06
C ILE A 13 19.64 10.08 19.02
N ASN A 14 20.85 9.74 19.47
CA ASN A 14 21.92 9.40 18.53
C ASN A 14 21.58 8.17 17.71
N SER A 15 20.91 7.19 18.32
CA SER A 15 20.51 6.00 17.59
C SER A 15 19.42 6.30 16.58
N ILE A 16 18.52 7.24 16.89
CA ILE A 16 17.47 7.62 15.95
C ILE A 16 18.06 8.40 14.78
N ASN A 17 18.89 9.40 15.08
CA ASN A 17 19.53 10.17 14.01
C ASN A 17 20.40 9.28 13.12
N ALA A 18 21.00 8.24 13.69
CA ALA A 18 21.76 7.29 12.88
C ALA A 18 20.84 6.58 11.89
N ASN A 19 19.69 6.10 12.37
CA ASN A 19 18.74 5.41 11.51
C ASN A 19 17.88 6.36 10.68
N LEU A 20 17.97 7.67 10.93
CA LEU A 20 17.30 8.63 10.07
C LEU A 20 18.12 8.93 8.82
N SER A 21 19.42 9.21 9.00
CA SER A 21 20.30 9.34 7.84
C SER A 21 20.46 8.01 7.12
N ARG A 22 20.35 6.90 7.85
CA ARG A 22 20.31 5.59 7.21
C ARG A 22 19.06 5.44 6.37
N TYR A 23 17.93 5.94 6.87
CA TYR A 23 16.67 5.87 6.14
C TYR A 23 16.62 6.85 4.98
N GLU A 24 17.33 7.97 5.10
CA GLU A 24 17.37 8.94 4.00
C GLU A 24 18.20 8.42 2.83
N ASN A 25 19.34 7.78 3.15
CA ASN A 25 20.16 7.20 2.08
C ASN A 25 19.45 6.05 1.39
N ILE A 26 18.60 5.32 2.11
CA ILE A 26 17.84 4.24 1.49
C ILE A 26 16.83 4.80 0.50
N ILE A 27 16.10 5.85 0.91
CA ILE A 27 15.10 6.44 0.02
C ILE A 27 15.77 6.99 -1.23
N ASN A 28 16.86 7.75 -1.06
CA ASN A 28 17.57 8.28 -2.22
C ASN A 28 18.12 7.16 -3.09
N GLN A 29 18.49 6.02 -2.49
CA GLN A 29 18.93 4.89 -3.30
C GLN A 29 17.76 4.28 -4.07
N ILE A 30 16.57 4.29 -3.48
CA ILE A 30 15.39 3.79 -4.19
C ILE A 30 15.08 4.67 -5.39
N ASP A 31 15.20 5.99 -5.22
CA ASP A 31 14.92 6.90 -6.33
C ASP A 31 15.92 6.74 -7.46
N ALA A 32 17.18 6.40 -7.15
CA ALA A 32 18.15 6.14 -8.20
C ALA A 32 17.75 4.95 -9.05
N GLN A 33 17.28 3.88 -8.41
CA GLN A 33 16.80 2.73 -9.17
C GLN A 33 15.62 3.09 -10.05
N HIS A 34 14.76 4.00 -9.59
CA HIS A 34 13.60 4.40 -10.37
C HIS A 34 14.02 5.12 -11.64
N LYS A 35 14.98 6.05 -11.54
CA LYS A 35 15.44 6.79 -12.72
C LYS A 35 16.08 5.85 -13.74
N ASP A 36 16.79 4.83 -13.26
CA ASP A 36 17.44 3.89 -14.18
C ASP A 36 16.45 2.90 -14.78
N LEU A 37 15.44 2.49 -14.02
CA LEU A 37 14.48 1.51 -14.54
C LEU A 37 13.52 2.10 -15.57
N LEU A 38 13.44 3.42 -15.67
CA LEU A 38 12.55 4.05 -16.64
C LEU A 38 13.21 4.28 -18.00
N THR A 39 14.50 3.95 -18.14
CA THR A 39 15.20 4.05 -19.41
C THR A 39 15.37 2.67 -20.02
N GLN A 40 15.66 2.67 -21.32
CA GLN A 40 15.87 1.41 -22.04
C GLN A 40 17.16 0.74 -21.61
N VAL A 41 17.08 -0.16 -20.63
CA VAL A 41 18.22 -0.90 -20.12
C VAL A 41 18.02 -2.36 -20.48
N SER A 42 19.14 -3.07 -20.68
CA SER A 42 19.09 -4.46 -21.09
C SER A 42 18.46 -5.33 -20.01
N GLU A 43 17.90 -6.46 -20.44
CA GLU A 43 17.34 -7.43 -19.50
C GLU A 43 18.40 -7.99 -18.56
N GLU A 44 19.68 -7.86 -18.93
CA GLU A 44 20.77 -8.38 -18.11
C GLU A 44 20.78 -7.73 -16.73
N GLN A 45 20.96 -6.40 -16.68
CA GLN A 45 21.01 -5.67 -15.43
C GLN A 45 19.68 -5.00 -15.09
N GLU A 46 18.62 -5.25 -15.85
CA GLU A 46 17.30 -4.77 -15.44
C GLU A 46 16.84 -5.48 -14.18
N MET A 47 16.83 -6.81 -14.20
CA MET A 47 16.49 -7.57 -13.01
C MET A 47 17.54 -7.44 -11.91
N GLU A 48 18.76 -7.00 -12.27
CA GLU A 48 19.74 -6.66 -11.25
C GLU A 48 19.40 -5.34 -10.57
N LEU A 49 18.69 -4.46 -11.27
CA LEU A 49 18.17 -3.25 -10.63
C LEU A 49 16.90 -3.54 -9.83
N ARG A 50 16.08 -4.48 -10.29
CA ARG A 50 14.93 -4.90 -9.50
C ARG A 50 15.35 -5.62 -8.24
N ARG A 51 16.42 -6.43 -8.32
CA ARG A 51 16.91 -7.12 -7.14
C ARG A 51 17.40 -6.15 -6.08
N SER A 52 18.15 -5.13 -6.50
CA SER A 52 18.58 -4.10 -5.55
C SER A 52 17.39 -3.29 -5.05
N LEU A 53 16.41 -3.03 -5.92
CA LEU A 53 15.23 -2.29 -5.51
C LEU A 53 14.40 -3.11 -4.52
N ASP A 54 14.22 -4.40 -4.78
CA ASP A 54 13.50 -5.26 -3.84
C ASP A 54 14.21 -5.32 -2.49
N ASP A 55 15.55 -5.29 -2.49
CA ASP A 55 16.28 -5.30 -1.23
C ASP A 55 16.18 -3.96 -0.52
N TYR A 56 16.09 -2.86 -1.27
CA TYR A 56 15.99 -1.54 -0.65
C TYR A 56 14.60 -1.31 -0.07
N ILE A 57 13.56 -1.81 -0.75
CA ILE A 57 12.19 -1.59 -0.28
C ILE A 57 11.97 -2.30 1.05
N SER A 58 12.53 -3.50 1.21
CA SER A 58 12.38 -4.22 2.47
C SER A 58 13.22 -3.57 3.57
N GLN A 59 14.42 -3.08 3.23
CA GLN A 59 15.22 -2.35 4.22
C GLN A 59 14.52 -1.10 4.69
N ALA A 60 13.77 -0.44 3.80
CA ALA A 60 12.99 0.72 4.20
C ALA A 60 11.85 0.31 5.14
N THR A 61 11.15 -0.77 4.81
CA THR A 61 10.06 -1.24 5.68
C THR A 61 10.56 -1.54 7.09
N ASP A 62 11.75 -2.12 7.19
CA ASP A 62 12.29 -2.46 8.51
C ASP A 62 12.70 -1.21 9.28
N LEU A 63 13.38 -0.26 8.62
CA LEU A 63 13.78 0.96 9.31
C LEU A 63 12.59 1.81 9.70
N GLN A 64 11.52 1.79 8.92
CA GLN A 64 10.31 2.51 9.29
C GLN A 64 9.74 1.98 10.60
N TYR A 65 9.65 0.65 10.72
CA TYR A 65 9.08 0.06 11.92
C TYR A 65 9.94 0.37 13.15
N GLN A 66 11.26 0.26 13.01
CA GLN A 66 12.14 0.54 14.14
C GLN A 66 12.10 2.02 14.51
N LEU A 67 12.14 2.92 13.53
CA LEU A 67 12.07 4.34 13.82
C LEU A 67 10.72 4.71 14.43
N LYS A 68 9.64 4.05 14.00
CA LYS A 68 8.33 4.29 14.60
C LYS A 68 8.34 3.94 16.08
N ALA A 69 9.00 2.84 16.44
CA ALA A 69 9.04 2.42 17.83
C ALA A 69 10.04 3.22 18.64
N ASP A 70 11.23 3.44 18.08
CA ASP A 70 12.30 4.13 18.82
C ASP A 70 11.93 5.58 19.10
N ILE A 71 11.26 6.25 18.17
CA ILE A 71 10.89 7.64 18.38
C ILE A 71 9.75 7.74 19.40
N LYS A 72 8.73 6.89 19.24
CA LYS A 72 7.65 6.84 20.23
C LYS A 72 8.16 6.46 21.61
N ASP A 73 9.23 5.67 21.66
CA ASP A 73 9.87 5.40 22.95
C ASP A 73 10.50 6.65 23.53
N ALA A 74 11.12 7.48 22.69
CA ALA A 74 11.71 8.72 23.17
C ALA A 74 10.66 9.77 23.51
N GLN A 75 9.47 9.69 22.92
CA GLN A 75 8.43 10.66 23.22
C GLN A 75 7.91 10.48 24.64
N ARG A 76 7.60 9.24 25.04
CA ARG A 76 7.07 9.00 26.38
C ARG A 76 8.13 9.26 27.45
N ASP A 77 9.42 9.14 27.12
CA ASP A 77 10.45 9.55 28.07
C ASP A 77 10.42 11.04 28.31
N GLY A 78 9.98 11.82 27.33
CA GLY A 78 9.88 13.26 27.45
C GLY A 78 8.54 13.77 27.91
N LEU A 79 7.67 12.90 28.43
CA LEU A 79 6.37 13.35 28.89
C LEU A 79 6.48 14.32 30.06
N HIS A 80 7.54 14.20 30.86
CA HIS A 80 7.73 15.04 32.03
C HIS A 80 9.09 15.72 32.00
N ASP A 81 9.48 16.23 30.82
CA ASP A 81 10.68 17.05 30.70
C ASP A 81 10.55 17.88 29.44
N SER A 82 10.67 19.20 29.59
CA SER A 82 10.43 20.10 28.45
C SER A 82 11.47 19.88 27.36
N ASN A 83 12.71 19.58 27.73
CA ASN A 83 13.75 19.44 26.73
C ASN A 83 13.75 18.06 26.09
N LYS A 84 13.56 17.00 26.89
CA LYS A 84 13.48 15.67 26.32
C LYS A 84 12.27 15.50 25.41
N GLN A 85 11.21 16.30 25.61
CA GLN A 85 10.06 16.22 24.72
C GLN A 85 10.35 16.85 23.38
N ALA A 86 11.03 18.00 23.37
CA ALA A 86 11.32 18.70 22.13
C ALA A 86 12.32 17.92 21.28
N GLN A 87 13.33 17.32 21.92
CA GLN A 87 14.31 16.53 21.19
C GLN A 87 13.64 15.33 20.50
N ALA A 88 12.78 14.63 21.23
CA ALA A 88 12.01 13.55 20.62
C ALA A 88 11.03 14.09 19.58
N GLU A 89 10.54 15.31 19.77
CA GLU A 89 9.65 15.91 18.77
C GLU A 89 10.43 16.29 17.52
N ASN A 90 11.65 16.79 17.69
CA ASN A 90 12.49 17.11 16.54
C ASN A 90 12.81 15.87 15.72
N CYS A 91 12.96 14.71 16.38
CA CYS A 91 13.17 13.47 15.64
C CYS A 91 11.88 13.00 14.97
N ARG A 92 10.73 13.35 15.53
CA ARG A 92 9.47 12.96 14.91
C ARG A 92 9.21 13.77 13.65
N GLN A 93 9.51 15.07 13.69
CA GLN A 93 9.34 15.92 12.52
C GLN A 93 10.30 15.55 11.41
N LYS A 94 11.52 15.14 11.76
CA LYS A 94 12.47 14.69 10.74
C LYS A 94 12.04 13.36 10.14
N PHE A 95 11.46 12.47 10.96
CA PHE A 95 10.95 11.21 10.44
C PHE A 95 9.82 11.45 9.46
N LEU A 96 8.82 12.26 9.85
CA LEU A 96 7.69 12.55 8.98
C LEU A 96 8.13 13.21 7.67
N LYS A 97 9.18 14.04 7.72
CA LYS A 97 9.67 14.65 6.49
C LYS A 97 10.19 13.59 5.52
N LEU A 98 10.90 12.59 6.05
CA LEU A 98 11.44 11.54 5.18
C LEU A 98 10.35 10.62 4.66
N ILE A 99 9.29 10.37 5.45
CA ILE A 99 8.16 9.61 4.92
C ILE A 99 7.48 10.37 3.80
N GLN A 100 7.47 11.71 3.89
CA GLN A 100 6.86 12.51 2.84
C GLN A 100 7.71 12.47 1.57
N ASP A 101 9.04 12.46 1.71
CA ASP A 101 9.91 12.31 0.56
C ASP A 101 9.69 10.98 -0.14
N TYR A 102 9.65 9.89 0.63
CA TYR A 102 9.42 8.56 0.05
C TYR A 102 8.07 8.50 -0.65
N ARG A 103 7.03 9.05 -0.03
CA ARG A 103 5.71 9.03 -0.64
C ARG A 103 5.71 9.76 -1.98
N ILE A 104 6.38 10.91 -2.05
CA ILE A 104 6.43 11.67 -3.30
C ILE A 104 7.26 10.93 -4.35
N ILE A 105 8.33 10.26 -3.92
CA ILE A 105 9.22 9.58 -4.85
C ILE A 105 8.48 8.42 -5.52
N ASP A 106 7.80 7.58 -4.74
CA ASP A 106 7.01 6.51 -5.33
C ASP A 106 5.82 7.05 -6.12
N SER A 107 5.39 8.28 -5.83
CA SER A 107 4.30 8.88 -6.59
C SER A 107 4.74 9.23 -8.00
N ASN A 108 5.90 9.89 -8.13
CA ASN A 108 6.41 10.22 -9.46
C ASN A 108 6.73 8.97 -10.26
N TYR A 109 7.35 7.97 -9.62
CA TYR A 109 7.68 6.73 -10.32
C TYR A 109 6.44 5.98 -10.74
N LYS A 110 5.32 6.15 -10.00
CA LYS A 110 4.10 5.44 -10.35
C LYS A 110 3.48 6.00 -11.63
N GLU A 111 3.34 7.32 -11.70
CA GLU A 111 2.74 7.91 -12.89
C GLU A 111 3.64 7.73 -14.11
N GLU A 112 4.95 7.80 -13.92
CA GLU A 112 5.89 7.54 -15.01
C GLU A 112 6.00 6.06 -15.34
N SER A 113 5.50 5.17 -14.47
CA SER A 113 5.41 3.76 -14.80
C SER A 113 4.08 3.41 -15.46
N LYS A 114 3.02 4.14 -15.13
CA LYS A 114 1.74 3.95 -15.82
C LYS A 114 1.84 4.42 -17.28
N GLU A 115 2.45 5.59 -17.50
CA GLU A 115 2.68 6.04 -18.86
C GLU A 115 3.63 5.10 -19.59
N GLN A 116 4.65 4.58 -18.89
CA GLN A 116 5.54 3.61 -19.51
C GLN A 116 4.81 2.30 -19.80
N ALA A 117 3.76 1.99 -19.03
CA ALA A 117 2.98 0.78 -19.30
C ALA A 117 1.94 1.00 -20.39
N LYS A 118 1.42 2.23 -20.51
CA LYS A 118 0.50 2.53 -21.60
C LYS A 118 1.20 2.45 -22.96
N ARG A 119 2.47 2.84 -23.02
CA ARG A 119 3.22 2.67 -24.27
C ARG A 119 3.49 1.21 -24.54
N GLN A 120 3.57 0.37 -23.50
CA GLN A 120 3.72 -1.07 -23.68
C GLN A 120 2.39 -1.77 -23.92
N TYR A 121 1.26 -1.07 -23.76
CA TYR A 121 -0.05 -1.68 -23.89
C TYR A 121 -0.75 -1.33 -25.19
N THR A 122 -0.42 -0.20 -25.81
CA THR A 122 -1.03 0.14 -27.10
C THR A 122 -0.55 -0.77 -28.22
N ILE A 123 0.54 -1.51 -28.02
CA ILE A 123 1.03 -2.44 -29.03
C ILE A 123 0.34 -3.80 -28.91
N ILE A 124 0.25 -4.35 -27.70
CA ILE A 124 -0.43 -5.62 -27.52
C ILE A 124 -1.92 -5.49 -27.78
N GLN A 125 -2.48 -4.30 -27.56
CA GLN A 125 -3.88 -3.99 -27.87
C GLN A 125 -3.90 -2.77 -28.78
N PRO A 126 -3.85 -2.95 -30.10
CA PRO A 126 -3.86 -1.80 -31.02
C PRO A 126 -5.14 -0.99 -30.94
N GLU A 127 -6.24 -1.58 -30.48
CA GLU A 127 -7.51 -0.87 -30.34
C GLU A 127 -7.56 -0.10 -29.03
N ALA A 128 -8.75 -0.02 -28.45
CA ALA A 128 -8.97 0.47 -27.08
C ALA A 128 -8.61 1.95 -26.91
N THR A 129 -7.44 2.37 -27.40
CA THR A 129 -6.97 3.74 -27.23
C THR A 129 -8.00 4.77 -27.70
N ASP A 130 -8.18 5.83 -26.92
CA ASP A 130 -7.42 6.06 -25.70
C ASP A 130 -8.28 5.81 -24.44
N GLU A 131 -9.60 5.82 -24.62
CA GLU A 131 -10.49 5.70 -23.48
C GLU A 131 -10.35 4.36 -22.77
N GLU A 132 -10.11 3.29 -23.54
CA GLU A 132 -10.10 1.95 -22.96
C GLU A 132 -8.70 1.49 -22.54
N VAL A 133 -7.64 2.08 -23.10
CA VAL A 133 -6.30 1.80 -22.58
C VAL A 133 -6.06 2.52 -21.26
N GLU A 134 -6.77 3.62 -21.00
CA GLU A 134 -6.63 4.33 -19.73
C GLU A 134 -7.16 3.50 -18.58
N ALA A 135 -8.34 2.89 -18.75
CA ALA A 135 -8.92 2.05 -17.72
C ALA A 135 -8.33 0.65 -17.69
N ALA A 136 -7.48 0.29 -18.65
CA ALA A 136 -6.84 -1.02 -18.63
C ALA A 136 -5.68 -1.04 -17.64
N ILE A 137 -4.78 -0.06 -17.74
CA ILE A 137 -3.69 0.05 -16.77
C ILE A 137 -4.24 0.40 -15.39
N ASN A 138 -5.22 1.28 -15.34
CA ASN A 138 -5.82 1.67 -14.08
C ASN A 138 -6.72 0.56 -13.54
N ASP A 139 -6.78 0.47 -12.21
CA ASP A 139 -7.68 -0.44 -11.50
C ASP A 139 -7.36 -1.91 -11.72
N VAL A 140 -6.71 -2.52 -10.73
CA VAL A 140 -6.60 -3.97 -10.61
C VAL A 140 -8.03 -4.52 -10.56
N ASN A 141 -8.33 -5.60 -11.28
CA ASN A 141 -7.36 -6.45 -11.96
C ASN A 141 -7.07 -6.01 -13.40
N GLY A 142 -8.11 -5.86 -14.20
CA GLY A 142 -7.99 -5.37 -15.55
C GLY A 142 -8.16 -6.44 -16.61
N GLN A 143 -7.58 -6.18 -17.78
CA GLN A 143 -7.77 -6.98 -18.98
C GLN A 143 -6.71 -8.07 -19.14
N GLN A 144 -5.84 -8.27 -18.15
CA GLN A 144 -4.85 -9.34 -18.24
C GLN A 144 -5.49 -10.73 -18.26
N ILE A 145 -6.72 -10.86 -17.77
CA ILE A 145 -7.38 -12.15 -17.69
C ILE A 145 -7.83 -12.57 -19.08
N PHE A 146 -7.29 -13.70 -19.57
CA PHE A 146 -7.70 -14.32 -20.82
C PHE A 146 -7.51 -13.39 -22.03
N SER A 147 -6.55 -12.48 -21.94
CA SER A 147 -5.97 -11.84 -23.12
C SER A 147 -4.94 -12.73 -23.78
N GLN A 148 -4.89 -14.01 -23.41
CA GLN A 148 -3.88 -14.97 -23.84
C GLN A 148 -4.23 -15.62 -25.18
N ALA A 149 -4.89 -14.90 -26.08
CA ALA A 149 -5.09 -15.42 -27.43
C ALA A 149 -3.75 -15.66 -28.11
N LEU A 150 -2.74 -14.88 -27.77
CA LEU A 150 -1.39 -15.06 -28.29
C LEU A 150 -0.56 -15.78 -27.22
N LEU A 151 -0.28 -17.06 -27.45
CA LEU A 151 0.49 -17.87 -26.50
C LEU A 151 1.94 -17.42 -26.45
N ALA A 159 8.92 -12.39 -29.13
CA ALA A 159 7.68 -11.63 -29.16
C ALA A 159 6.62 -12.28 -28.28
N LYS A 160 6.66 -13.62 -28.21
CA LYS A 160 5.69 -14.33 -27.38
C LYS A 160 5.99 -14.18 -25.89
N THR A 161 7.26 -13.94 -25.54
CA THR A 161 7.65 -13.80 -24.14
C THR A 161 7.42 -12.38 -23.62
N ALA A 162 7.44 -11.38 -24.50
CA ALA A 162 7.22 -10.00 -24.08
C ALA A 162 5.77 -9.72 -23.71
N LEU A 163 4.87 -10.69 -23.88
CA LEU A 163 3.46 -10.49 -23.58
C LEU A 163 3.18 -10.46 -22.08
N ALA A 164 4.15 -10.85 -21.26
CA ALA A 164 3.98 -10.85 -19.80
C ALA A 164 4.67 -9.67 -19.13
N GLU A 165 5.42 -8.87 -19.86
CA GLU A 165 6.10 -7.73 -19.24
C GLU A 165 5.12 -6.65 -18.81
N VAL A 166 3.98 -6.54 -19.50
CA VAL A 166 2.96 -5.60 -19.08
C VAL A 166 2.37 -6.03 -17.73
N GLN A 167 2.30 -7.33 -17.48
CA GLN A 167 1.85 -7.80 -16.17
C GLN A 167 2.91 -7.58 -15.10
N ALA A 168 4.19 -7.60 -15.48
CA ALA A 168 5.24 -7.29 -14.52
C ALA A 168 5.17 -5.83 -14.08
N ARG A 169 4.90 -4.91 -15.02
CA ARG A 169 4.76 -3.51 -14.65
C ARG A 169 3.44 -3.26 -13.94
N HIS A 170 2.38 -3.98 -14.30
CA HIS A 170 1.09 -3.77 -13.67
C HIS A 170 1.12 -4.20 -12.21
N GLN A 171 1.75 -5.34 -11.92
CA GLN A 171 1.90 -5.77 -10.53
C GLN A 171 2.82 -4.84 -9.75
N GLU A 172 3.84 -4.28 -10.41
CA GLU A 172 4.68 -3.30 -9.73
C GLU A 172 3.89 -2.06 -9.34
N LEU A 173 2.93 -1.66 -10.18
CA LEU A 173 2.04 -0.56 -9.82
C LEU A 173 1.25 -0.89 -8.56
N LEU A 174 0.81 -2.14 -8.42
CA LEU A 174 0.11 -2.55 -7.21
C LEU A 174 1.05 -2.55 -6.01
N LYS A 175 2.27 -3.07 -6.19
CA LYS A 175 3.25 -3.06 -5.11
C LYS A 175 3.61 -1.64 -4.70
N LEU A 176 3.60 -0.70 -5.64
CA LEU A 176 3.89 0.69 -5.31
C LEU A 176 2.75 1.32 -4.52
N GLU A 177 1.51 1.08 -4.93
CA GLU A 177 0.38 1.71 -4.27
C GLU A 177 0.18 1.14 -2.86
N LYS A 178 0.44 -0.15 -2.68
CA LYS A 178 0.40 -0.73 -1.35
C LYS A 178 1.45 -0.11 -0.44
N THR A 179 2.65 0.14 -0.99
CA THR A 179 3.68 0.81 -0.21
C THR A 179 3.25 2.20 0.21
N MET A 180 2.65 2.96 -0.71
CA MET A 180 2.17 4.29 -0.36
C MET A 180 1.02 4.21 0.64
N ALA A 181 0.20 3.16 0.55
CA ALA A 181 -0.80 2.93 1.59
C ALA A 181 -0.15 2.67 2.94
N GLU A 182 0.96 1.92 2.94
CA GLU A 182 1.71 1.70 4.18
C GLU A 182 2.33 3.01 4.67
N LEU A 183 2.91 3.80 3.76
CA LEU A 183 3.49 5.08 4.15
C LEU A 183 2.43 6.04 4.67
N THR A 184 1.21 5.98 4.13
CA THR A 184 0.15 6.84 4.61
C THR A 184 -0.27 6.46 6.03
N GLN A 185 -0.44 5.15 6.28
CA GLN A 185 -0.80 4.70 7.62
C GLN A 185 0.34 4.94 8.61
N LEU A 186 1.59 4.81 8.17
CA LEU A 186 2.71 5.15 9.03
C LEU A 186 2.75 6.64 9.31
N PHE A 187 2.39 7.46 8.32
CA PHE A 187 2.37 8.91 8.51
C PHE A 187 1.34 9.29 9.57
N ASN A 188 0.20 8.60 9.60
CA ASN A 188 -0.82 8.88 10.60
C ASN A 188 -0.52 8.23 11.94
N ASP A 189 0.28 7.17 11.97
CA ASP A 189 0.70 6.58 13.25
C ASP A 189 1.56 7.55 14.04
N MET A 190 2.51 8.22 13.38
CA MET A 190 3.39 9.15 14.06
C MET A 190 2.70 10.46 14.41
N GLU A 191 1.61 10.81 13.72
CA GLU A 191 0.87 12.01 14.07
C GLU A 191 0.04 11.82 15.34
N GLU A 192 -0.18 10.59 15.77
CA GLU A 192 -0.84 10.33 17.04
C GLU A 192 0.16 10.56 18.18
N LEU A 193 -0.23 11.37 19.15
CA LEU A 193 0.60 11.63 20.32
C LEU A 193 0.29 10.55 21.36
N VAL A 194 1.02 9.44 21.27
CA VAL A 194 0.78 8.32 22.18
C VAL A 194 1.17 8.72 23.60
N ILE A 195 0.34 8.32 24.56
CA ILE A 195 0.55 8.66 25.97
C ILE A 195 0.71 7.38 26.76
N GLU A 196 1.48 7.47 27.85
CA GLU A 196 1.66 6.32 28.74
C GLU A 196 2.10 6.78 30.13
N MET B 4 -5.68 33.36 28.08
CA MET B 4 -5.51 32.03 28.64
C MET B 4 -4.98 31.09 27.55
N SER B 5 -5.25 31.45 26.30
CA SER B 5 -4.75 30.75 25.12
C SER B 5 -5.29 29.34 24.98
N ASN B 6 -6.18 28.90 25.89
CA ASN B 6 -6.76 27.56 25.83
C ASN B 6 -8.28 27.57 25.81
N PHE B 7 -8.92 28.74 25.66
CA PHE B 7 -10.35 28.76 25.44
C PHE B 7 -10.71 28.25 24.06
N LEU B 8 -9.85 28.51 23.07
CA LEU B 8 -10.13 28.07 21.70
C LEU B 8 -10.29 26.55 21.63
N ALA B 9 -9.46 25.81 22.37
CA ALA B 9 -9.62 24.36 22.41
C ALA B 9 -10.93 23.97 23.07
N GLU B 10 -11.42 24.78 24.02
CA GLU B 10 -12.70 24.48 24.65
C GLU B 10 -13.87 24.70 23.69
N GLN B 11 -13.84 25.80 22.93
CA GLN B 11 -14.91 26.02 21.95
C GLN B 11 -14.76 25.12 20.73
N TYR B 12 -13.55 24.61 20.48
CA TYR B 12 -13.37 23.67 19.37
C TYR B 12 -14.13 22.38 19.61
N GLU B 13 -13.91 21.76 20.78
CA GLU B 13 -14.64 20.54 21.10
C GLU B 13 -16.13 20.80 21.20
N ARG B 14 -16.52 21.99 21.67
CA ARG B 14 -17.93 22.33 21.74
C ARG B 14 -18.55 22.42 20.34
N ASP B 15 -17.88 23.14 19.43
CA ASP B 15 -18.33 23.19 18.05
C ASP B 15 -18.24 21.83 17.37
N ARG B 16 -17.25 21.02 17.74
CA ARG B 16 -17.08 19.71 17.11
C ARG B 16 -18.30 18.82 17.39
N LYS B 17 -18.74 18.77 18.64
CA LYS B 17 -19.94 18.00 18.96
C LYS B 17 -21.18 18.60 18.29
N ALA B 18 -21.25 19.93 18.23
CA ALA B 18 -22.40 20.58 17.58
C ALA B 18 -22.44 20.24 16.10
N ILE B 19 -21.30 20.35 15.42
CA ILE B 19 -21.23 20.05 13.99
C ILE B 19 -21.60 18.60 13.73
N ILE B 20 -21.04 17.68 14.53
CA ILE B 20 -21.27 16.26 14.32
C ILE B 20 -22.74 15.91 14.60
N ASN B 21 -23.34 16.57 15.60
CA ASN B 21 -24.68 16.18 16.03
C ASN B 21 -25.71 16.44 14.93
N CYS B 22 -25.57 17.53 14.19
CA CYS B 22 -26.60 17.94 13.25
C CYS B 22 -26.26 17.70 11.79
N CYS B 23 -24.99 17.45 11.46
CA CYS B 23 -24.60 17.33 10.06
C CYS B 23 -23.81 16.08 9.71
N PHE B 24 -23.26 15.35 10.68
CA PHE B 24 -22.43 14.19 10.38
C PHE B 24 -22.72 13.06 11.38
N SER B 25 -23.99 12.66 11.45
CA SER B 25 -24.37 11.57 12.35
C SER B 25 -25.64 10.89 11.88
N ARG B 26 -26.56 11.65 11.25
CA ARG B 26 -27.83 11.11 10.81
C ARG B 26 -27.85 10.95 9.29
N PRO B 27 -28.60 9.97 8.78
CA PRO B 27 -28.70 9.80 7.32
C PRO B 27 -29.49 10.92 6.67
N ASP B 28 -29.45 10.96 5.34
CA ASP B 28 -30.13 11.99 4.58
C ASP B 28 -31.24 11.39 3.72
N HIS B 29 -31.51 11.99 2.57
CA HIS B 29 -32.61 11.59 1.71
C HIS B 29 -32.18 11.50 0.25
N GLY B 32 -31.37 7.93 0.59
CA GLY B 32 -30.64 8.64 1.63
C GLY B 32 -29.31 8.02 2.00
N GLU B 33 -28.22 8.64 1.55
CA GLU B 33 -26.89 8.15 1.89
C GLU B 33 -26.57 8.46 3.35
N PRO B 34 -25.73 7.65 3.99
CA PRO B 34 -25.29 7.96 5.35
C PRO B 34 -24.46 9.23 5.37
N PRO B 35 -24.35 9.89 6.52
CA PRO B 35 -23.63 11.17 6.57
C PRO B 35 -22.14 10.99 6.35
N ASN B 36 -21.50 12.08 5.93
CA ASN B 36 -20.06 12.07 5.79
C ASN B 36 -19.38 12.00 7.16
N ASN B 37 -18.10 11.68 7.14
CA ASN B 37 -17.30 11.58 8.37
C ASN B 37 -16.61 12.91 8.63
N TYR B 38 -16.97 13.56 9.73
CA TYR B 38 -16.32 14.80 10.13
C TYR B 38 -14.83 14.54 10.40
N ILE B 39 -13.99 15.49 9.96
CA ILE B 39 -12.55 15.38 10.19
C ILE B 39 -12.12 16.51 11.12
N THR B 40 -12.21 17.76 10.65
CA THR B 40 -11.84 18.91 11.45
C THR B 40 -12.67 20.10 10.98
N HIS B 41 -12.49 21.24 11.64
CA HIS B 41 -13.17 22.47 11.27
C HIS B 41 -12.35 23.66 11.75
N VAL B 42 -12.82 24.86 11.40
CA VAL B 42 -12.22 26.10 11.86
C VAL B 42 -13.25 27.20 11.65
N ARG B 43 -13.23 28.19 12.55
CA ARG B 43 -14.06 29.37 12.41
C ARG B 43 -13.34 30.38 11.53
N ILE B 44 -14.02 30.83 10.47
CA ILE B 44 -13.47 31.79 9.52
C ILE B 44 -14.32 33.04 9.53
N ILE B 45 -13.73 34.12 8.99
CA ILE B 45 -14.41 35.38 8.79
C ILE B 45 -14.38 35.68 7.29
N GLU B 46 -15.50 36.19 6.76
CA GLU B 46 -15.62 36.49 5.35
C GLU B 46 -16.17 37.90 5.15
N ASP B 47 -15.56 38.64 4.24
CA ASP B 47 -16.02 39.97 3.87
C ASP B 47 -17.02 39.87 2.74
N SER B 48 -18.25 40.34 2.97
CA SER B 48 -19.33 40.13 2.01
C SER B 48 -19.05 40.87 0.70
N LYS B 49 -18.52 42.09 0.78
CA LYS B 49 -18.20 42.86 -0.42
C LYS B 49 -16.77 42.66 -0.89
N PHE B 50 -16.00 41.79 -0.25
CA PHE B 50 -14.64 41.45 -0.67
C PHE B 50 -14.41 39.98 -0.37
N PRO B 51 -14.99 39.08 -1.18
CA PRO B 51 -14.89 37.65 -0.87
C PRO B 51 -13.68 36.97 -1.48
N SER B 52 -13.03 37.62 -2.46
CA SER B 52 -11.97 36.99 -3.23
C SER B 52 -10.64 37.74 -3.14
N SER B 53 -10.51 38.69 -2.24
CA SER B 53 -9.27 39.47 -2.12
C SER B 53 -9.19 40.06 -0.72
N ARG B 54 -8.04 40.63 -0.41
CA ARG B 54 -7.83 41.26 0.89
C ARG B 54 -8.75 42.45 1.04
N PRO B 55 -9.61 42.50 2.06
CA PRO B 55 -10.49 43.66 2.24
C PRO B 55 -9.69 44.88 2.69
N PRO B 56 -10.20 46.08 2.42
CA PRO B 56 -9.50 47.29 2.90
C PRO B 56 -9.51 47.34 4.42
N PRO B 57 -8.51 47.98 5.03
CA PRO B 57 -8.42 47.97 6.50
C PRO B 57 -9.61 48.62 7.20
N ASP B 58 -10.30 49.56 6.54
CA ASP B 58 -11.46 50.18 7.15
C ASP B 58 -12.75 49.66 6.51
N SER B 59 -13.02 48.37 6.68
CA SER B 59 -14.28 47.76 6.24
C SER B 59 -15.13 47.54 7.49
N LYS B 60 -16.24 48.27 7.58
CA LYS B 60 -17.07 48.23 8.78
C LYS B 60 -17.61 46.82 9.01
N LEU B 61 -17.95 46.54 10.27
CA LEU B 61 -18.33 45.20 10.70
C LEU B 61 -19.57 44.67 10.00
N GLU B 62 -20.32 45.53 9.31
CA GLU B 62 -21.49 45.06 8.57
C GLU B 62 -21.07 44.11 7.44
N ASN B 63 -19.88 44.28 6.88
CA ASN B 63 -19.44 43.45 5.78
C ASN B 63 -18.88 42.11 6.24
N LYS B 64 -18.58 41.95 7.53
CA LYS B 64 -17.96 40.73 8.02
C LYS B 64 -19.02 39.68 8.32
N LYS B 65 -18.70 38.43 8.01
CA LYS B 65 -19.56 37.28 8.25
C LYS B 65 -18.84 36.27 9.12
N LYS B 66 -19.59 35.64 10.03
CA LYS B 66 -19.07 34.56 10.86
C LYS B 66 -19.45 33.24 10.21
N ARG B 67 -18.46 32.54 9.66
CA ARG B 67 -18.69 31.26 9.00
C ARG B 67 -17.75 30.21 9.58
N LEU B 68 -17.91 28.97 9.11
CA LEU B 68 -17.02 27.88 9.48
C LEU B 68 -16.68 27.07 8.23
N LEU B 69 -15.45 26.57 8.18
CA LEU B 69 -15.03 25.63 7.15
C LEU B 69 -14.94 24.25 7.78
N ILE B 70 -15.52 23.24 7.12
CA ILE B 70 -15.56 21.88 7.64
C ILE B 70 -14.98 20.95 6.58
N LEU B 71 -14.11 20.04 7.01
CA LEU B 71 -13.52 19.02 6.15
C LEU B 71 -14.10 17.67 6.52
N SER B 72 -14.65 16.96 5.53
CA SER B 72 -15.26 15.67 5.77
C SER B 72 -14.94 14.74 4.59
N ALA B 73 -15.19 13.44 4.80
CA ALA B 73 -14.98 12.43 3.78
C ALA B 73 -16.24 11.59 3.65
N LYS B 74 -16.46 11.06 2.44
CA LYS B 74 -17.65 10.26 2.20
C LYS B 74 -17.56 8.94 2.96
N PRO B 75 -18.68 8.44 3.49
CA PRO B 75 -18.61 7.31 4.43
C PRO B 75 -18.15 6.00 3.81
N ASN B 76 -18.21 5.86 2.49
CA ASN B 76 -17.78 4.65 1.80
C ASN B 76 -16.49 4.85 1.01
N ASN B 77 -15.82 5.98 1.18
CA ASN B 77 -14.60 6.26 0.45
C ASN B 77 -13.82 7.31 1.22
N ALA B 78 -12.71 6.91 1.85
CA ALA B 78 -11.87 7.82 2.60
C ALA B 78 -10.97 8.66 1.71
N LYS B 79 -11.07 8.53 0.39
CA LYS B 79 -10.29 9.31 -0.54
C LYS B 79 -11.12 10.39 -1.24
N LEU B 80 -12.38 10.55 -0.86
CA LEU B 80 -13.25 11.61 -1.40
C LEU B 80 -13.55 12.57 -0.25
N ILE B 81 -12.70 13.57 -0.10
CA ILE B 81 -12.83 14.56 0.97
C ILE B 81 -13.55 15.79 0.41
N GLN B 82 -14.51 16.29 1.18
CA GLN B 82 -15.26 17.47 0.80
C GLN B 82 -14.92 18.63 1.72
N ILE B 83 -14.95 19.84 1.16
CA ILE B 83 -14.76 21.08 1.91
C ILE B 83 -16.11 21.77 2.01
N HIS B 84 -16.62 21.89 3.23
CA HIS B 84 -17.91 22.51 3.47
C HIS B 84 -17.74 23.91 4.04
N LYS B 85 -18.83 24.67 3.98
CA LYS B 85 -18.90 26.02 4.53
C LYS B 85 -20.26 26.19 5.18
N ALA B 86 -20.27 26.59 6.45
CA ALA B 86 -21.50 26.63 7.23
C ALA B 86 -21.58 27.92 8.04
N ARG B 87 -22.76 28.15 8.63
CA ARG B 87 -22.98 29.25 9.55
C ARG B 87 -23.81 28.76 10.73
N GLU B 88 -23.68 29.45 11.86
CA GLU B 88 -24.44 29.11 13.05
C GLU B 88 -25.87 29.60 12.93
N ASN B 89 -26.83 28.69 13.13
CA ASN B 89 -28.22 29.10 13.27
C ASN B 89 -28.47 29.61 14.69
N SER B 90 -29.51 30.43 14.83
CA SER B 90 -29.89 30.90 16.16
C SER B 90 -30.23 29.74 17.07
N ASP B 91 -30.77 28.66 16.50
CA ASP B 91 -31.11 27.47 17.29
C ASP B 91 -29.89 26.88 17.98
N GLY B 92 -28.70 27.07 17.41
CA GLY B 92 -27.46 26.57 17.97
C GLY B 92 -26.74 25.56 17.09
N SER B 93 -27.45 24.88 16.20
CA SER B 93 -26.83 23.92 15.29
C SER B 93 -26.14 24.64 14.15
N PHE B 94 -25.88 23.93 13.05
CA PHE B 94 -25.20 24.49 11.89
C PHE B 94 -25.94 24.12 10.62
N GLN B 95 -25.71 24.92 9.58
CA GLN B 95 -26.31 24.71 8.26
C GLN B 95 -25.23 24.85 7.20
N ILE B 96 -24.96 23.74 6.49
CA ILE B 96 -23.96 23.77 5.42
C ILE B 96 -24.50 24.57 4.24
N GLY B 97 -23.69 25.51 3.75
CA GLY B 97 -24.11 26.38 2.66
C GLY B 97 -23.48 26.06 1.32
N ARG B 98 -22.19 25.73 1.32
CA ARG B 98 -21.47 25.43 0.08
C ARG B 98 -20.51 24.28 0.33
N THR B 99 -20.48 23.32 -0.58
CA THR B 99 -19.63 22.14 -0.47
C THR B 99 -18.72 22.04 -1.69
N TRP B 100 -17.42 22.03 -1.45
CA TRP B 100 -16.43 21.82 -2.49
C TRP B 100 -15.84 20.42 -2.39
N GLN B 101 -15.41 19.88 -3.53
CA GLN B 101 -14.66 18.65 -3.56
C GLN B 101 -13.18 18.97 -3.43
N LEU B 102 -12.45 18.16 -2.65
CA LEU B 102 -11.05 18.46 -2.39
C LEU B 102 -10.23 18.48 -3.67
N THR B 103 -10.64 17.69 -4.66
CA THR B 103 -9.96 17.69 -5.95
C THR B 103 -9.99 19.06 -6.62
N GLU B 104 -10.91 19.94 -6.22
CA GLU B 104 -10.97 21.29 -6.75
C GLU B 104 -9.89 22.21 -6.20
N LEU B 105 -9.22 21.81 -5.12
CA LEU B 105 -8.19 22.67 -4.53
C LEU B 105 -7.00 22.76 -5.47
N VAL B 106 -6.65 23.99 -5.86
CA VAL B 106 -5.58 24.23 -6.83
C VAL B 106 -4.47 25.09 -6.24
N ARG B 107 -4.81 26.07 -5.41
CA ARG B 107 -3.83 26.98 -4.85
C ARG B 107 -4.22 27.30 -3.41
N VAL B 108 -3.22 27.35 -2.53
CA VAL B 108 -3.39 27.78 -1.14
C VAL B 108 -2.36 28.85 -0.87
N GLU B 109 -2.81 30.08 -0.59
CA GLU B 109 -1.93 31.22 -0.43
C GLU B 109 -2.09 31.83 0.96
N LYS B 110 -0.96 32.17 1.57
CA LYS B 110 -0.92 32.85 2.85
C LYS B 110 -0.84 34.35 2.64
N ASP B 111 -1.55 35.11 3.48
CA ASP B 111 -1.44 36.57 3.46
C ASP B 111 -0.22 36.97 4.26
N LEU B 112 0.78 37.53 3.59
CA LEU B 112 2.00 37.95 4.28
C LEU B 112 1.76 39.13 5.20
N GLU B 113 0.71 39.91 4.97
CA GLU B 113 0.44 41.12 5.74
C GLU B 113 -0.47 40.85 6.94
N ILE B 114 -1.53 40.08 6.75
CA ILE B 114 -2.48 39.77 7.82
C ILE B 114 -2.18 38.36 8.32
N SER B 115 -1.88 38.25 9.62
CA SER B 115 -1.50 36.97 10.21
C SER B 115 -2.66 35.99 10.29
N GLU B 116 -3.87 36.39 9.91
CA GLU B 116 -5.02 35.50 9.94
C GLU B 116 -5.57 35.16 8.56
N GLY B 117 -5.22 35.93 7.53
CA GLY B 117 -5.83 35.76 6.22
C GLY B 117 -5.14 34.70 5.37
N PHE B 118 -5.94 34.03 4.55
CA PHE B 118 -5.45 33.06 3.60
C PHE B 118 -6.41 33.03 2.42
N ILE B 119 -5.94 32.46 1.31
CA ILE B 119 -6.71 32.40 0.07
C ILE B 119 -6.76 30.96 -0.41
N LEU B 120 -7.96 30.42 -0.57
CA LEU B 120 -8.18 29.14 -1.20
C LEU B 120 -8.76 29.35 -2.59
N THR B 121 -8.28 28.55 -3.54
CA THR B 121 -8.63 28.72 -4.95
C THR B 121 -9.17 27.40 -5.49
N MET B 122 -10.49 27.31 -5.64
CA MET B 122 -11.10 26.18 -6.34
C MET B 122 -11.40 26.58 -7.77
N SER B 123 -12.69 26.64 -8.13
CA SER B 123 -13.06 27.24 -9.41
C SER B 123 -12.94 28.76 -9.36
N LYS B 124 -13.12 29.34 -8.19
CA LYS B 124 -12.94 30.77 -7.95
C LYS B 124 -11.89 30.97 -6.86
N LYS B 125 -11.60 32.23 -6.56
CA LYS B 125 -10.72 32.58 -5.45
C LYS B 125 -11.56 32.98 -4.24
N TYR B 126 -11.15 32.50 -3.08
CA TYR B 126 -11.86 32.78 -1.82
C TYR B 126 -10.85 33.28 -0.80
N TYR B 127 -11.08 34.49 -0.29
CA TYR B 127 -10.27 35.05 0.78
C TYR B 127 -11.01 34.90 2.09
N TRP B 128 -10.37 34.26 3.07
CA TRP B 128 -10.92 34.12 4.41
C TRP B 128 -9.82 34.41 5.41
N GLU B 129 -10.24 34.73 6.63
CA GLU B 129 -9.29 34.94 7.73
C GLU B 129 -9.85 34.33 9.00
N THR B 130 -8.97 33.69 9.77
CA THR B 130 -9.37 33.04 11.01
C THR B 130 -9.39 34.06 12.15
N ASN B 131 -9.79 33.59 13.35
CA ASN B 131 -9.87 34.50 14.48
C ASN B 131 -8.51 34.81 15.07
N SER B 132 -7.59 33.85 15.07
CA SER B 132 -6.24 34.04 15.60
C SER B 132 -5.22 33.53 14.59
N ALA B 133 -3.98 34.00 14.76
CA ALA B 133 -2.92 33.67 13.82
C ALA B 133 -2.58 32.18 13.83
N LYS B 134 -2.69 31.52 14.98
CA LYS B 134 -2.35 30.11 15.07
C LYS B 134 -3.49 29.20 14.65
N GLU B 135 -4.72 29.70 14.52
CA GLU B 135 -5.78 28.88 13.97
C GLU B 135 -5.67 28.77 12.46
N ARG B 136 -5.09 29.77 11.80
CA ARG B 136 -4.76 29.64 10.39
C ARG B 136 -3.72 28.54 10.17
N THR B 137 -2.71 28.48 11.04
CA THR B 137 -1.65 27.51 10.87
C THR B 137 -2.16 26.09 11.11
N VAL B 138 -3.04 25.90 12.09
CA VAL B 138 -3.54 24.57 12.40
C VAL B 138 -4.41 24.05 11.27
N PHE B 139 -5.33 24.88 10.76
CA PHE B 139 -6.27 24.40 9.76
C PHE B 139 -5.60 24.18 8.42
N ILE B 140 -4.72 25.08 8.00
CA ILE B 140 -4.05 24.91 6.72
C ILE B 140 -3.16 23.67 6.74
N LYS B 141 -2.46 23.46 7.85
CA LYS B 141 -1.68 22.22 8.00
C LYS B 141 -2.58 21.00 7.98
N SER B 142 -3.78 21.11 8.53
CA SER B 142 -4.74 20.01 8.45
C SER B 142 -5.18 19.78 7.01
N LEU B 143 -5.39 20.86 6.26
CA LEU B 143 -5.91 20.74 4.91
C LEU B 143 -4.87 20.21 3.94
N ILE B 144 -3.64 20.73 4.02
CA ILE B 144 -2.58 20.28 3.12
C ILE B 144 -2.22 18.84 3.40
N THR B 145 -2.06 18.49 4.68
CA THR B 145 -1.80 17.09 5.06
C THR B 145 -2.89 16.18 4.53
N LEU B 146 -4.15 16.60 4.65
CA LEU B 146 -5.25 15.78 4.15
C LEU B 146 -5.21 15.64 2.64
N TYR B 147 -4.63 16.61 1.94
CA TYR B 147 -4.55 16.54 0.49
C TYR B 147 -3.43 15.59 0.04
N ILE B 148 -2.24 15.73 0.63
CA ILE B 148 -1.14 14.84 0.30
C ILE B 148 -1.50 13.39 0.58
N GLN B 149 -2.16 13.15 1.73
CA GLN B 149 -2.56 11.80 2.08
C GLN B 149 -3.60 11.25 1.09
N THR B 150 -4.48 12.12 0.59
CA THR B 150 -5.55 11.65 -0.27
C THR B 150 -5.10 11.43 -1.71
N PHE B 151 -4.45 12.42 -2.30
CA PHE B 151 -4.13 12.39 -3.73
C PHE B 151 -2.70 11.92 -3.96
N GLU B 152 -2.44 10.68 -3.54
CA GLU B 152 -1.23 9.94 -3.90
C GLU B 152 0.06 10.74 -3.63
N GLY B 153 0.01 11.67 -2.68
CA GLY B 153 1.18 12.48 -2.40
C GLY B 153 1.42 13.64 -3.33
N HIS B 154 0.36 14.33 -3.74
CA HIS B 154 0.47 15.57 -4.50
C HIS B 154 0.19 16.76 -3.60
N VAL B 155 0.51 17.96 -4.10
CA VAL B 155 0.24 19.19 -3.36
C VAL B 155 -0.31 20.25 -4.29
N PRO B 156 -1.29 21.04 -3.85
CA PRO B 156 -1.68 22.23 -4.62
C PRO B 156 -0.57 23.27 -4.59
N GLU B 157 -0.71 24.26 -5.46
CA GLU B 157 0.29 25.32 -5.53
C GLU B 157 0.34 26.08 -4.21
N LEU B 158 1.45 25.98 -3.50
CA LEU B 158 1.64 26.65 -2.22
C LEU B 158 2.38 27.96 -2.45
N VAL B 159 1.85 29.04 -1.88
CA VAL B 159 2.43 30.38 -2.03
C VAL B 159 2.62 30.99 -0.65
N ASN B 160 3.83 31.50 -0.39
CA ASN B 160 4.18 32.23 0.83
C ASN B 160 4.14 31.34 2.08
N TRP B 161 4.13 30.03 1.93
CA TRP B 161 4.05 29.13 3.08
C TRP B 161 5.43 28.58 3.43
N ASP B 162 5.63 28.35 4.72
CA ASP B 162 6.83 27.67 5.22
C ASP B 162 6.68 26.18 4.96
N LEU B 163 7.37 25.69 3.93
CA LEU B 163 7.16 24.30 3.49
C LEU B 163 7.47 23.28 4.59
N SER B 164 8.31 23.63 5.56
CA SER B 164 8.61 22.71 6.66
C SER B 164 7.38 22.44 7.51
N LEU B 165 6.37 23.31 7.46
CA LEU B 165 5.15 23.08 8.22
C LEU B 165 4.40 21.84 7.71
N PHE B 166 4.53 21.53 6.42
CA PHE B 166 3.86 20.38 5.83
C PHE B 166 4.81 19.21 5.61
N TYR B 167 5.94 19.18 6.33
CA TYR B 167 6.96 18.14 6.18
C TYR B 167 7.46 18.07 4.73
N LEU B 168 7.76 19.25 4.17
CA LEU B 168 8.28 19.37 2.83
C LEU B 168 9.49 20.29 2.83
N ASP B 169 10.27 20.23 1.76
CA ASP B 169 11.32 21.20 1.49
C ASP B 169 11.11 21.68 0.06
N GLU B 170 12.12 22.34 -0.50
CA GLU B 170 11.97 22.96 -1.81
C GLU B 170 11.92 21.93 -2.92
N ARG B 171 12.78 20.91 -2.86
CA ARG B 171 12.86 19.96 -3.95
C ARG B 171 11.76 18.89 -3.90
N SER B 172 11.13 18.69 -2.75
CA SER B 172 10.02 17.76 -2.68
C SER B 172 8.69 18.41 -3.02
N TYR B 173 8.53 19.70 -2.72
CA TYR B 173 7.34 20.42 -3.17
C TYR B 173 7.32 20.55 -4.69
N GLN B 174 8.43 21.00 -5.28
CA GLN B 174 8.53 21.13 -6.72
C GLN B 174 8.42 19.80 -7.43
N ARG B 175 8.42 18.69 -6.70
CA ARG B 175 8.31 17.36 -7.28
C ARG B 175 6.92 16.75 -7.13
N ALA B 176 6.09 17.29 -6.24
CA ALA B 176 4.73 16.82 -6.05
C ALA B 176 3.68 17.85 -6.45
N VAL B 177 4.07 19.09 -6.75
CA VAL B 177 3.10 20.12 -7.09
C VAL B 177 2.43 19.78 -8.41
N ILE B 178 1.11 20.01 -8.48
CA ILE B 178 0.35 19.64 -9.66
C ILE B 178 0.76 20.44 -10.89
N THR B 179 1.44 21.58 -10.70
CA THR B 179 1.85 22.40 -11.84
C THR B 179 3.22 21.98 -12.36
N SER C 5 8.47 -40.13 -19.38
CA SER C 5 8.54 -41.18 -20.38
C SER C 5 8.95 -42.52 -19.74
N ASN C 6 7.96 -43.40 -19.55
CA ASN C 6 8.17 -44.74 -19.02
C ASN C 6 8.83 -44.70 -17.64
N PHE C 7 10.11 -44.29 -17.59
CA PHE C 7 10.79 -44.17 -16.32
C PHE C 7 10.14 -43.13 -15.42
N LEU C 8 9.48 -42.13 -16.00
CA LEU C 8 8.82 -41.11 -15.19
C LEU C 8 7.68 -41.69 -14.39
N ALA C 9 6.89 -42.59 -14.99
CA ALA C 9 5.83 -43.26 -14.26
C ALA C 9 6.39 -44.20 -13.19
N GLU C 10 7.59 -44.75 -13.42
CA GLU C 10 8.24 -45.58 -12.41
C GLU C 10 8.99 -44.74 -11.39
N GLN C 11 9.36 -43.50 -11.73
CA GLN C 11 10.03 -42.63 -10.76
C GLN C 11 9.07 -42.18 -9.68
N TYR C 12 7.91 -41.64 -10.06
CA TYR C 12 6.91 -41.24 -9.09
C TYR C 12 6.27 -42.42 -8.39
N GLU C 13 6.44 -43.63 -8.90
CA GLU C 13 5.92 -44.80 -8.21
C GLU C 13 6.85 -45.25 -7.09
N ARG C 14 8.16 -45.19 -7.32
CA ARG C 14 9.11 -45.46 -6.23
C ARG C 14 9.06 -44.38 -5.17
N ASP C 15 8.80 -43.13 -5.57
CA ASP C 15 8.67 -42.06 -4.59
C ASP C 15 7.37 -42.21 -3.79
N ARG C 16 6.30 -42.67 -4.43
CA ARG C 16 5.02 -42.81 -3.75
C ARG C 16 5.10 -43.79 -2.60
N LYS C 17 5.60 -45.01 -2.87
CA LYS C 17 5.64 -46.03 -1.82
C LYS C 17 6.68 -45.71 -0.76
N ALA C 18 7.72 -44.94 -1.11
CA ALA C 18 8.72 -44.53 -0.12
C ALA C 18 8.17 -43.45 0.80
N ILE C 19 7.42 -42.49 0.24
CA ILE C 19 6.81 -41.46 1.05
C ILE C 19 5.80 -42.05 2.03
N ILE C 20 5.01 -43.02 1.56
CA ILE C 20 4.04 -43.68 2.43
C ILE C 20 4.76 -44.44 3.53
N ASN C 21 5.83 -45.15 3.19
CA ASN C 21 6.54 -45.95 4.17
C ASN C 21 7.24 -45.08 5.22
N CYS C 22 7.67 -43.88 4.83
CA CYS C 22 8.44 -43.04 5.74
C CYS C 22 7.59 -42.07 6.55
N CYS C 23 6.46 -41.62 6.00
CA CYS C 23 5.69 -40.57 6.67
C CYS C 23 4.19 -40.80 6.73
N PHE C 24 3.65 -41.83 6.08
CA PHE C 24 2.20 -42.03 6.04
C PHE C 24 1.86 -43.51 6.20
N SER C 25 2.53 -44.18 7.15
CA SER C 25 2.28 -45.60 7.35
C SER C 25 1.94 -45.90 8.82
N ARG C 26 2.93 -45.67 9.74
CA ARG C 26 2.71 -46.00 11.14
C ARG C 26 2.33 -44.77 11.95
N PRO C 27 1.41 -44.92 12.90
CA PRO C 27 1.01 -43.77 13.72
C PRO C 27 2.12 -43.32 14.65
N ASP C 28 2.15 -42.01 14.92
CA ASP C 28 3.16 -41.41 15.79
C ASP C 28 2.42 -40.41 16.69
N HIS C 29 2.20 -40.80 17.94
CA HIS C 29 1.50 -39.96 18.90
C HIS C 29 2.45 -38.93 19.52
N GLU C 33 -2.41 -40.64 17.17
CA GLU C 33 -3.21 -40.47 15.96
C GLU C 33 -2.59 -41.25 14.80
N PRO C 34 -3.43 -41.85 13.97
CA PRO C 34 -2.94 -42.51 12.76
C PRO C 34 -2.44 -41.49 11.76
N PRO C 35 -1.53 -41.88 10.85
CA PRO C 35 -0.97 -40.92 9.91
C PRO C 35 -1.98 -40.47 8.86
N ASN C 36 -1.58 -39.53 8.00
CA ASN C 36 -2.43 -39.07 6.93
C ASN C 36 -2.39 -40.03 5.75
N ASN C 37 -3.44 -39.97 4.93
CA ASN C 37 -3.54 -40.78 3.72
C ASN C 37 -2.88 -40.04 2.57
N TYR C 38 -1.88 -40.66 1.94
CA TYR C 38 -1.22 -40.06 0.81
C TYR C 38 -2.19 -39.87 -0.35
N ILE C 39 -1.98 -38.80 -1.11
CA ILE C 39 -2.85 -38.48 -2.24
C ILE C 39 -2.01 -38.42 -3.51
N THR C 40 -1.14 -37.41 -3.60
CA THR C 40 -0.25 -37.27 -4.75
C THR C 40 0.97 -36.46 -4.32
N HIS C 41 1.91 -36.33 -5.24
CA HIS C 41 3.13 -35.58 -4.97
C HIS C 41 3.71 -35.10 -6.30
N VAL C 42 4.76 -34.30 -6.21
CA VAL C 42 5.50 -33.84 -7.38
C VAL C 42 6.90 -33.43 -6.93
N ARG C 43 7.88 -33.71 -7.79
CA ARG C 43 9.24 -33.27 -7.52
C ARG C 43 9.41 -31.82 -7.95
N ILE C 44 9.96 -31.00 -7.06
CA ILE C 44 10.12 -29.57 -7.30
C ILE C 44 11.57 -29.18 -7.12
N ILE C 45 11.88 -27.94 -7.50
CA ILE C 45 13.19 -27.34 -7.31
C ILE C 45 12.98 -26.00 -6.61
N GLU C 46 13.66 -25.80 -5.48
CA GLU C 46 13.52 -24.59 -4.69
C GLU C 46 14.85 -23.84 -4.69
N ASP C 47 14.79 -22.54 -4.99
CA ASP C 47 15.97 -21.69 -4.94
C ASP C 47 16.20 -21.22 -3.51
N SER C 48 17.43 -21.36 -3.02
CA SER C 48 17.71 -21.05 -1.62
C SER C 48 17.59 -19.56 -1.34
N LYS C 49 18.10 -18.73 -2.24
CA LYS C 49 18.09 -17.27 -2.02
C LYS C 49 16.91 -16.57 -2.69
N PHE C 50 16.25 -17.22 -3.65
CA PHE C 50 15.09 -16.65 -4.33
C PHE C 50 13.92 -17.63 -4.25
N PRO C 51 13.29 -17.76 -3.09
CA PRO C 51 12.15 -18.67 -2.95
C PRO C 51 10.79 -18.04 -3.19
N SER C 52 10.74 -16.74 -3.51
CA SER C 52 9.47 -16.04 -3.66
C SER C 52 9.29 -15.38 -5.02
N SER C 53 10.23 -15.57 -5.94
CA SER C 53 10.14 -14.95 -7.26
C SER C 53 11.04 -15.71 -8.21
N ARG C 54 10.99 -15.32 -9.48
CA ARG C 54 11.76 -15.99 -10.52
C ARG C 54 13.25 -15.73 -10.33
N PRO C 55 14.07 -16.76 -10.20
CA PRO C 55 15.52 -16.54 -10.09
C PRO C 55 16.12 -16.22 -11.45
N PRO C 56 17.26 -15.55 -11.49
CA PRO C 56 17.91 -15.24 -12.77
C PRO C 56 18.50 -16.49 -13.38
N PRO C 57 18.68 -16.51 -14.71
CA PRO C 57 19.32 -17.68 -15.33
C PRO C 57 20.73 -17.92 -14.85
N ASP C 58 21.44 -16.87 -14.43
CA ASP C 58 22.80 -16.99 -13.92
C ASP C 58 22.84 -17.30 -12.43
N SER C 59 21.77 -17.86 -11.88
CA SER C 59 21.79 -18.30 -10.50
C SER C 59 22.62 -19.58 -10.40
N LYS C 60 23.62 -19.56 -9.52
CA LYS C 60 24.51 -20.72 -9.38
C LYS C 60 23.73 -21.94 -8.91
N LEU C 61 24.17 -23.11 -9.38
CA LEU C 61 23.49 -24.35 -9.06
C LEU C 61 23.61 -24.73 -7.58
N GLU C 62 24.46 -24.04 -6.81
CA GLU C 62 24.52 -24.25 -5.38
C GLU C 62 23.33 -23.67 -4.64
N ASN C 63 22.45 -22.97 -5.34
CA ASN C 63 21.24 -22.39 -4.74
C ASN C 63 20.00 -23.24 -4.97
N LYS C 64 20.06 -24.21 -5.88
CA LYS C 64 18.91 -25.07 -6.16
C LYS C 64 18.82 -26.19 -5.13
N LYS C 65 17.59 -26.54 -4.77
CA LYS C 65 17.32 -27.58 -3.79
C LYS C 65 16.30 -28.56 -4.35
N LYS C 66 16.50 -29.85 -4.06
CA LYS C 66 15.61 -30.91 -4.54
C LYS C 66 14.59 -31.23 -3.43
N ARG C 67 13.39 -30.71 -3.57
CA ARG C 67 12.30 -30.90 -2.62
C ARG C 67 11.13 -31.59 -3.33
N LEU C 68 10.06 -31.83 -2.56
CA LEU C 68 8.85 -32.45 -3.07
C LEU C 68 7.64 -31.84 -2.38
N LEU C 69 6.60 -31.56 -3.16
CA LEU C 69 5.31 -31.11 -2.63
C LEU C 69 4.39 -32.31 -2.49
N ILE C 70 3.96 -32.58 -1.26
CA ILE C 70 3.13 -33.74 -0.95
C ILE C 70 1.76 -33.25 -0.52
N LEU C 71 0.71 -33.88 -1.05
CA LEU C 71 -0.66 -33.62 -0.64
C LEU C 71 -1.20 -34.84 0.08
N SER C 72 -1.81 -34.62 1.24
CA SER C 72 -2.38 -35.70 2.04
C SER C 72 -3.58 -35.16 2.80
N ALA C 73 -4.20 -36.03 3.58
CA ALA C 73 -5.36 -35.65 4.38
C ALA C 73 -5.47 -36.57 5.59
N LYS C 74 -5.95 -36.01 6.69
CA LYS C 74 -6.11 -36.80 7.90
C LYS C 74 -7.18 -37.87 7.69
N PRO C 75 -6.98 -39.07 8.26
CA PRO C 75 -7.88 -40.19 7.94
C PRO C 75 -9.30 -40.02 8.45
N ASN C 76 -9.53 -39.13 9.41
CA ASN C 76 -10.86 -38.90 9.96
C ASN C 76 -11.61 -37.80 9.22
N ASN C 77 -11.01 -37.20 8.20
CA ASN C 77 -11.66 -36.11 7.47
C ASN C 77 -10.95 -35.93 6.14
N ALA C 78 -11.64 -36.23 5.04
CA ALA C 78 -11.06 -36.10 3.70
C ALA C 78 -11.17 -34.68 3.15
N LYS C 79 -11.65 -33.73 3.94
CA LYS C 79 -11.69 -32.33 3.53
C LYS C 79 -10.60 -31.50 4.22
N LEU C 80 -9.69 -32.13 4.92
CA LEU C 80 -8.59 -31.45 5.60
C LEU C 80 -7.28 -31.80 4.90
N ILE C 81 -7.13 -31.32 3.68
CA ILE C 81 -5.95 -31.60 2.88
C ILE C 81 -4.78 -30.75 3.38
N GLN C 82 -3.62 -31.37 3.53
CA GLN C 82 -2.41 -30.67 3.95
C GLN C 82 -1.37 -30.71 2.85
N ILE C 83 -0.58 -29.65 2.76
CA ILE C 83 0.50 -29.52 1.79
C ILE C 83 1.82 -29.65 2.52
N HIS C 84 2.68 -30.55 2.04
CA HIS C 84 3.95 -30.82 2.69
C HIS C 84 5.10 -30.53 1.75
N LYS C 85 6.24 -30.13 2.32
CA LYS C 85 7.48 -29.91 1.59
C LYS C 85 8.51 -30.89 2.13
N ALA C 86 8.72 -31.98 1.41
CA ALA C 86 9.64 -33.03 1.83
C ALA C 86 11.04 -32.76 1.30
N ARG C 87 12.02 -33.43 1.91
CA ARG C 87 13.42 -33.34 1.52
C ARG C 87 13.99 -34.73 1.36
N GLU C 88 14.64 -34.98 0.23
CA GLU C 88 15.48 -36.16 0.10
C GLU C 88 16.86 -35.84 0.68
N ASN C 89 17.38 -36.73 1.50
CA ASN C 89 18.64 -36.49 2.19
C ASN C 89 19.66 -37.56 1.81
N SER C 90 20.87 -37.38 2.33
CA SER C 90 21.95 -38.33 2.08
C SER C 90 21.66 -39.70 2.67
N ASP C 91 20.76 -39.79 3.64
CA ASP C 91 20.40 -41.07 4.24
C ASP C 91 19.54 -41.93 3.32
N GLY C 92 19.04 -41.39 2.23
CA GLY C 92 18.09 -42.12 1.40
C GLY C 92 16.71 -42.20 2.00
N SER C 93 16.32 -41.23 2.82
CA SER C 93 15.03 -41.23 3.49
C SER C 93 14.34 -39.88 3.28
N PHE C 94 13.01 -39.91 3.34
CA PHE C 94 12.20 -38.71 3.18
C PHE C 94 11.85 -38.13 4.55
N GLN C 95 11.85 -36.80 4.63
CA GLN C 95 11.59 -36.09 5.87
C GLN C 95 10.77 -34.83 5.59
N ILE C 96 9.63 -34.71 6.26
CA ILE C 96 8.75 -33.55 6.10
C ILE C 96 9.22 -32.44 7.03
N GLY C 97 9.31 -31.23 6.50
CA GLY C 97 9.81 -30.10 7.26
C GLY C 97 8.97 -28.85 7.11
N ARG C 98 7.86 -28.94 6.39
CA ARG C 98 6.98 -27.80 6.20
C ARG C 98 5.58 -28.32 5.88
N THR C 99 4.57 -27.71 6.50
CA THR C 99 3.19 -28.16 6.37
C THR C 99 2.26 -26.96 6.33
N TRP C 100 1.39 -26.93 5.31
CA TRP C 100 0.34 -25.93 5.19
C TRP C 100 -1.03 -26.61 5.19
N GLN C 101 -2.06 -25.84 5.54
CA GLN C 101 -3.43 -26.26 5.36
C GLN C 101 -3.92 -25.84 3.99
N LEU C 102 -4.78 -26.67 3.38
CA LEU C 102 -5.27 -26.35 2.05
C LEU C 102 -6.03 -25.03 2.03
N THR C 103 -6.67 -24.67 3.14
CA THR C 103 -7.39 -23.40 3.22
C THR C 103 -6.45 -22.19 3.10
N GLU C 104 -5.16 -22.37 3.41
CA GLU C 104 -4.20 -21.29 3.25
C GLU C 104 -3.94 -20.93 1.80
N LEU C 105 -4.15 -21.87 0.87
CA LEU C 105 -3.88 -21.62 -0.53
C LEU C 105 -4.78 -20.51 -1.05
N VAL C 106 -4.17 -19.43 -1.52
CA VAL C 106 -4.89 -18.23 -1.95
C VAL C 106 -4.71 -17.98 -3.45
N ARG C 107 -3.47 -18.01 -3.94
CA ARG C 107 -3.17 -17.68 -5.32
C ARG C 107 -2.26 -18.75 -5.92
N VAL C 108 -2.60 -19.20 -7.12
CA VAL C 108 -1.80 -20.15 -7.87
C VAL C 108 -1.49 -19.50 -9.22
N GLU C 109 -0.21 -19.23 -9.47
CA GLU C 109 0.23 -18.52 -10.67
C GLU C 109 1.19 -19.38 -11.48
N LYS C 110 1.08 -19.28 -12.80
CA LYS C 110 1.95 -19.98 -13.74
C LYS C 110 2.92 -18.99 -14.36
N ASP C 111 4.19 -19.37 -14.43
CA ASP C 111 5.20 -18.55 -15.11
C ASP C 111 5.07 -18.75 -16.61
N LEU C 112 4.91 -17.64 -17.33
CA LEU C 112 4.73 -17.73 -18.78
C LEU C 112 6.04 -17.99 -19.50
N GLU C 113 7.14 -17.43 -19.01
CA GLU C 113 8.43 -17.63 -19.65
C GLU C 113 9.02 -19.00 -19.32
N ILE C 114 8.93 -19.42 -18.07
CA ILE C 114 9.48 -20.69 -17.62
C ILE C 114 8.35 -21.71 -17.61
N SER C 115 8.49 -22.75 -18.45
CA SER C 115 7.45 -23.77 -18.57
C SER C 115 7.35 -24.67 -17.35
N GLU C 116 8.30 -24.60 -16.43
CA GLU C 116 8.28 -25.44 -15.24
C GLU C 116 7.94 -24.67 -13.96
N GLY C 117 7.89 -23.34 -14.03
CA GLY C 117 7.72 -22.54 -12.83
C GLY C 117 6.26 -22.30 -12.50
N PHE C 118 5.97 -22.31 -11.19
CA PHE C 118 4.64 -22.00 -10.70
C PHE C 118 4.79 -21.35 -9.33
N ILE C 119 3.78 -20.58 -8.94
CA ILE C 119 3.80 -19.83 -7.69
C ILE C 119 2.60 -20.24 -6.85
N LEU C 120 2.85 -20.58 -5.60
CA LEU C 120 1.81 -20.84 -4.61
C LEU C 120 1.93 -19.80 -3.52
N THR C 121 0.80 -19.21 -3.13
CA THR C 121 0.79 -18.13 -2.14
C THR C 121 -0.02 -18.59 -0.93
N MET C 122 0.67 -19.15 0.06
CA MET C 122 0.06 -19.45 1.35
C MET C 122 0.20 -18.25 2.27
N SER C 123 0.89 -18.43 3.41
CA SER C 123 1.23 -17.30 4.25
C SER C 123 2.17 -16.35 3.53
N LYS C 124 3.16 -16.89 2.83
CA LYS C 124 4.08 -16.15 1.99
C LYS C 124 3.96 -16.65 0.56
N LYS C 125 4.79 -16.09 -0.32
CA LYS C 125 4.86 -16.53 -1.71
C LYS C 125 5.98 -17.55 -1.89
N TYR C 126 5.72 -18.57 -2.70
CA TYR C 126 6.66 -19.65 -2.90
C TYR C 126 6.75 -19.96 -4.39
N TYR C 127 7.94 -19.84 -4.96
CA TYR C 127 8.19 -20.14 -6.36
C TYR C 127 9.02 -21.42 -6.45
N TRP C 128 8.48 -22.43 -7.14
CA TRP C 128 9.16 -23.68 -7.37
C TRP C 128 9.16 -24.00 -8.85
N GLU C 129 9.94 -25.01 -9.23
CA GLU C 129 9.99 -25.50 -10.60
C GLU C 129 9.87 -27.01 -10.59
N THR C 130 9.00 -27.54 -11.45
CA THR C 130 8.93 -28.98 -11.62
C THR C 130 10.04 -29.45 -12.57
N ASN C 131 10.21 -30.76 -12.65
CA ASN C 131 11.25 -31.32 -13.52
C ASN C 131 10.92 -31.18 -15.00
N SER C 132 9.68 -30.81 -15.34
CA SER C 132 9.29 -30.59 -16.73
C SER C 132 8.02 -29.75 -16.74
N ALA C 133 7.56 -29.42 -17.95
CA ALA C 133 6.35 -28.62 -18.10
C ALA C 133 5.09 -29.46 -17.90
N LYS C 134 5.13 -30.74 -18.27
CA LYS C 134 3.95 -31.60 -18.13
C LYS C 134 3.71 -31.98 -16.67
N GLU C 135 4.76 -32.13 -15.88
CA GLU C 135 4.57 -32.46 -14.46
C GLU C 135 3.96 -31.30 -13.69
N ARG C 136 4.18 -30.06 -14.14
CA ARG C 136 3.52 -28.92 -13.52
C ARG C 136 2.03 -28.95 -13.79
N THR C 137 1.63 -29.25 -15.02
CA THR C 137 0.22 -29.29 -15.38
C THR C 137 -0.53 -30.35 -14.57
N VAL C 138 0.10 -31.51 -14.37
CA VAL C 138 -0.56 -32.60 -13.65
C VAL C 138 -0.78 -32.22 -12.19
N PHE C 139 0.24 -31.66 -11.55
CA PHE C 139 0.14 -31.33 -10.13
C PHE C 139 -0.86 -30.20 -9.89
N ILE C 140 -0.81 -29.16 -10.73
CA ILE C 140 -1.72 -28.03 -10.55
C ILE C 140 -3.15 -28.45 -10.87
N LYS C 141 -3.34 -29.28 -11.89
CA LYS C 141 -4.69 -29.78 -12.19
C LYS C 141 -5.21 -30.67 -11.07
N SER C 142 -4.31 -31.39 -10.38
CA SER C 142 -4.72 -32.19 -9.24
C SER C 142 -4.96 -31.32 -8.01
N LEU C 143 -4.16 -30.28 -7.84
CA LEU C 143 -4.30 -29.43 -6.65
C LEU C 143 -5.58 -28.60 -6.70
N ILE C 144 -5.88 -28.01 -7.86
CA ILE C 144 -7.06 -27.16 -7.97
C ILE C 144 -8.33 -28.00 -7.92
N THR C 145 -8.33 -29.15 -8.61
CA THR C 145 -9.48 -30.04 -8.54
C THR C 145 -9.72 -30.51 -7.12
N LEU C 146 -8.65 -30.81 -6.37
CA LEU C 146 -8.80 -31.16 -4.97
C LEU C 146 -9.33 -29.97 -4.17
N TYR C 147 -8.93 -28.75 -4.55
CA TYR C 147 -9.43 -27.56 -3.87
C TYR C 147 -10.92 -27.34 -4.16
N ILE C 148 -11.32 -27.54 -5.42
CA ILE C 148 -12.73 -27.39 -5.78
C ILE C 148 -13.59 -28.39 -5.03
N GLN C 149 -13.14 -29.66 -5.00
CA GLN C 149 -13.92 -30.70 -4.33
C GLN C 149 -14.02 -30.47 -2.84
N THR C 150 -13.05 -29.77 -2.24
CA THR C 150 -13.00 -29.59 -0.80
C THR C 150 -13.81 -28.38 -0.33
N PHE C 151 -13.61 -27.23 -0.97
CA PHE C 151 -14.19 -25.97 -0.50
C PHE C 151 -15.40 -25.57 -1.34
N GLU C 152 -16.37 -26.47 -1.40
CA GLU C 152 -17.71 -26.19 -1.91
C GLU C 152 -17.67 -25.54 -3.29
N GLY C 153 -16.78 -26.05 -4.15
CA GLY C 153 -16.70 -25.58 -5.52
C GLY C 153 -15.92 -24.30 -5.74
N HIS C 154 -15.30 -23.75 -4.70
CA HIS C 154 -14.51 -22.54 -4.85
C HIS C 154 -13.11 -22.87 -5.38
N VAL C 155 -12.52 -21.88 -6.03
CA VAL C 155 -11.17 -22.02 -6.59
C VAL C 155 -10.29 -20.95 -5.98
N PRO C 156 -8.98 -21.16 -5.93
CA PRO C 156 -8.07 -20.08 -5.53
C PRO C 156 -7.97 -19.03 -6.62
N GLU C 157 -7.25 -17.95 -6.35
CA GLU C 157 -7.03 -16.92 -7.37
C GLU C 157 -6.06 -17.47 -8.40
N LEU C 158 -6.58 -17.89 -9.56
CA LEU C 158 -5.77 -18.48 -10.61
C LEU C 158 -5.27 -17.39 -11.55
N VAL C 159 -3.97 -17.43 -11.85
CA VAL C 159 -3.32 -16.42 -12.69
C VAL C 159 -2.60 -17.12 -13.84
N ASN C 160 -2.88 -16.69 -15.06
CA ASN C 160 -2.20 -17.17 -16.27
C ASN C 160 -2.43 -18.66 -16.50
N TRP C 161 -3.60 -19.17 -16.10
CA TRP C 161 -3.97 -20.56 -16.35
C TRP C 161 -5.10 -20.60 -17.36
N ASP C 162 -4.97 -21.48 -18.35
CA ASP C 162 -6.06 -21.75 -19.28
C ASP C 162 -7.16 -22.48 -18.52
N LEU C 163 -8.24 -21.77 -18.19
CA LEU C 163 -9.28 -22.33 -17.33
C LEU C 163 -9.99 -23.52 -17.94
N SER C 164 -9.81 -23.77 -19.24
CA SER C 164 -10.35 -25.00 -19.83
C SER C 164 -9.68 -26.24 -19.26
N LEU C 165 -8.48 -26.11 -18.69
CA LEU C 165 -7.83 -27.25 -18.06
C LEU C 165 -8.60 -27.72 -16.84
N PHE C 166 -9.24 -26.81 -16.12
CA PHE C 166 -10.08 -27.13 -14.98
C PHE C 166 -11.57 -27.14 -15.33
N TYR C 167 -11.88 -27.21 -16.63
CA TYR C 167 -13.26 -27.19 -17.12
C TYR C 167 -13.99 -25.92 -16.68
N LEU C 168 -13.30 -24.79 -16.77
CA LEU C 168 -13.85 -23.49 -16.41
C LEU C 168 -13.69 -22.53 -17.58
N ASP C 169 -14.38 -21.40 -17.49
CA ASP C 169 -14.26 -20.33 -18.48
C ASP C 169 -14.22 -19.00 -17.73
N GLU C 170 -14.45 -17.90 -18.45
CA GLU C 170 -14.34 -16.59 -17.84
C GLU C 170 -15.47 -16.32 -16.85
N ARG C 171 -16.70 -16.71 -17.21
CA ARG C 171 -17.84 -16.39 -16.35
C ARG C 171 -17.87 -17.28 -15.11
N SER C 172 -17.46 -18.54 -15.23
CA SER C 172 -17.48 -19.46 -14.11
C SER C 172 -16.35 -19.22 -13.12
N TYR C 173 -15.32 -18.48 -13.52
CA TYR C 173 -14.19 -18.24 -12.61
C TYR C 173 -14.47 -17.10 -11.65
N GLN C 174 -15.10 -16.03 -12.14
CA GLN C 174 -15.38 -14.88 -11.27
C GLN C 174 -16.38 -15.25 -10.17
N ARG C 175 -17.24 -16.22 -10.44
CA ARG C 175 -18.24 -16.64 -9.46
C ARG C 175 -17.68 -17.67 -8.48
N ALA C 176 -16.62 -18.38 -8.84
CA ALA C 176 -16.06 -19.42 -8.00
C ALA C 176 -14.80 -18.99 -7.25
N VAL C 177 -14.24 -17.81 -7.56
CA VAL C 177 -13.05 -17.36 -6.87
C VAL C 177 -13.40 -16.92 -5.45
N ILE C 178 -12.44 -17.03 -4.54
CA ILE C 178 -12.68 -16.71 -3.13
C ILE C 178 -12.58 -15.22 -2.84
N THR C 179 -12.35 -14.39 -3.85
CA THR C 179 -12.26 -12.95 -3.64
C THR C 179 -13.36 -12.22 -4.40
S SO4 D . 2.38 -1.68 14.08
O1 SO4 D . 3.12 -2.59 14.97
O2 SO4 D . 2.99 -0.35 14.11
O3 SO4 D . 2.41 -2.20 12.72
O4 SO4 D . 0.99 -1.60 14.54
S SO4 E . 20.51 0.93 16.79
O1 SO4 E . 21.80 0.48 17.31
O2 SO4 E . 20.63 2.29 16.29
O3 SO4 E . 20.10 0.05 15.70
O4 SO4 E . 19.50 0.89 17.85
S SO4 F . -24.79 36.79 9.02
O1 SO4 F . -23.79 36.09 9.84
O2 SO4 F . -24.41 38.18 8.83
O3 SO4 F . -24.92 36.13 7.73
O4 SO4 F . -26.08 36.74 9.73
S SO4 G . -19.31 30.27 -4.93
O1 SO4 G . -17.93 29.87 -4.69
O2 SO4 G . -19.36 31.72 -5.13
O3 SO4 G . -19.81 29.59 -6.12
O4 SO4 G . -20.13 29.90 -3.78
#